data_4L4U
#
_entry.id   4L4U
#
_cell.length_a   102.421
_cell.length_b   107.010
_cell.length_c   98.181
_cell.angle_alpha   90.00
_cell.angle_beta   90.00
_cell.angle_gamma   90.00
#
_symmetry.space_group_name_H-M   'C 2 2 21'
#
loop_
_entity.id
_entity.type
_entity.pdbx_description
1 polymer 'Transcriptional regulator (NtrC family)'
2 water water
#
_entity_poly.entity_id   1
_entity_poly.type   'polypeptide(L)'
_entity_poly.pdbx_seq_one_letter_code
;GLVPRGSHMNVLVIEDDKVFRGLLEEYLSMKGIKVESAERGKEAYKLLSEKHFNVVLLDLLLPDVNGLEILKWIKERSPE
TEVIVITGHGTIKTAVEAMKMGAYDFLTKPCMLEEIELTINKAIEHRKLRKENELLRREKDLKEEEYVFESPKMKEILEK
IKKISCAECPVLITGESGVGKEVVARLIHKSSDRSKEPFVALNVASIPRDIFEAELFGYEKGAFTGAVSSKEGFFELADG
GTLFLDEIGELSLEAQAKLLRVIESGKFYRLGGRKEIEVNVRILAATNRNIKELVKEGKFREDLYYRLGVIEIEIPPLRE
RKEDIIPLANHFLKKFSRKYAKEVEGFTKSAQELLLSYPWYGNVRELKNVIERAVLFSEGKFIDRGELSCLVNSKGIKNK
HKSIKEIEKEEIIKVLKEVNFNKKLASEILGIPLRTLYRRLKEYGIE
;
_entity_poly.pdbx_strand_id   A
#
# COMPACT_ATOMS: atom_id res chain seq x y z
N GLY A 1 2.07 -19.59 -14.16
CA GLY A 1 2.11 -21.07 -14.36
C GLY A 1 3.41 -21.68 -13.89
N LEU A 2 4.52 -20.98 -14.08
CA LEU A 2 5.82 -21.44 -13.62
C LEU A 2 6.16 -20.81 -12.28
N VAL A 3 6.62 -21.64 -11.35
CA VAL A 3 7.03 -21.16 -10.04
C VAL A 3 8.54 -21.12 -9.96
N PRO A 4 9.08 -20.22 -9.11
CA PRO A 4 10.53 -20.18 -8.92
C PRO A 4 11.05 -21.47 -8.30
N ARG A 5 12.28 -21.83 -8.67
CA ARG A 5 12.92 -23.04 -8.16
C ARG A 5 12.90 -23.10 -6.63
N GLY A 6 13.09 -21.94 -5.99
CA GLY A 6 13.17 -21.88 -4.55
C GLY A 6 11.87 -21.43 -3.90
N SER A 7 10.78 -22.10 -4.25
CA SER A 7 9.47 -21.79 -3.67
C SER A 7 8.77 -23.10 -3.30
N HIS A 8 7.90 -23.05 -2.29
CA HIS A 8 7.24 -24.24 -1.83
C HIS A 8 5.75 -24.01 -1.80
N MET A 9 5.16 -23.90 -2.99
CA MET A 9 3.72 -23.78 -3.10
C MET A 9 3.12 -25.16 -2.94
N ASN A 10 2.13 -25.27 -2.07
CA ASN A 10 1.53 -26.56 -1.75
C ASN A 10 0.16 -26.66 -2.40
N VAL A 11 -0.04 -27.74 -3.14
CA VAL A 11 -1.30 -27.94 -3.86
C VAL A 11 -1.91 -29.29 -3.51
N LEU A 12 -3.21 -29.29 -3.24
CA LEU A 12 -3.94 -30.51 -2.94
C LEU A 12 -4.93 -30.82 -4.04
N VAL A 13 -4.86 -32.03 -4.59
CA VAL A 13 -5.81 -32.48 -5.59
C VAL A 13 -6.84 -33.42 -4.94
N ILE A 14 -8.08 -32.97 -4.89
CA ILE A 14 -9.19 -33.76 -4.36
C ILE A 14 -10.03 -34.28 -5.54
N GLU A 15 -9.83 -35.54 -5.90
CA GLU A 15 -10.48 -36.11 -7.06
C GLU A 15 -10.59 -37.62 -6.91
N ASP A 16 -11.80 -38.15 -7.00
CA ASP A 16 -12.02 -39.58 -6.82
C ASP A 16 -11.61 -40.37 -8.07
N ASP A 17 -11.69 -39.74 -9.23
CA ASP A 17 -11.34 -40.41 -10.49
C ASP A 17 -9.84 -40.56 -10.64
N LYS A 18 -9.39 -41.81 -10.68
CA LYS A 18 -7.97 -42.14 -10.76
C LYS A 18 -7.27 -41.48 -11.95
N VAL A 19 -7.85 -41.63 -13.13
CA VAL A 19 -7.23 -41.12 -14.35
C VAL A 19 -7.07 -39.61 -14.30
N PHE A 20 -8.15 -38.90 -14.00
CA PHE A 20 -8.13 -37.45 -14.00
C PHE A 20 -7.23 -36.92 -12.90
N ARG A 21 -7.31 -37.54 -11.72
CA ARG A 21 -6.46 -37.19 -10.60
C ARG A 21 -4.99 -37.29 -11.03
N GLY A 22 -4.65 -38.36 -11.74
CA GLY A 22 -3.31 -38.57 -12.23
C GLY A 22 -2.83 -37.48 -13.18
N LEU A 23 -3.71 -37.09 -14.10
CA LEU A 23 -3.39 -36.01 -15.04
C LEU A 23 -3.05 -34.73 -14.30
N LEU A 24 -3.83 -34.44 -13.27
CA LEU A 24 -3.67 -33.22 -12.50
C LEU A 24 -2.36 -33.24 -11.72
N GLU A 25 -2.09 -34.34 -11.02
CA GLU A 25 -0.86 -34.50 -10.27
C GLU A 25 0.36 -34.45 -11.19
N GLU A 26 0.23 -35.04 -12.37
CA GLU A 26 1.35 -35.08 -13.31
C GLU A 26 1.79 -33.69 -13.72
N TYR A 27 0.85 -32.87 -14.19
CA TYR A 27 1.18 -31.52 -14.64
C TYR A 27 1.72 -30.66 -13.50
N LEU A 28 1.03 -30.66 -12.37
CA LEU A 28 1.48 -29.90 -11.21
C LEU A 28 2.91 -30.30 -10.85
N SER A 29 3.20 -31.58 -10.92
CA SER A 29 4.53 -32.09 -10.60
C SER A 29 5.56 -31.65 -11.65
N MET A 30 5.18 -31.71 -12.92
CA MET A 30 6.07 -31.28 -13.99
C MET A 30 6.47 -29.82 -13.78
N LYS A 31 5.59 -29.04 -13.16
CA LYS A 31 5.84 -27.62 -12.93
C LYS A 31 6.64 -27.35 -11.66
N GLY A 32 7.08 -28.40 -10.98
CA GLY A 32 7.88 -28.24 -9.78
C GLY A 32 7.06 -27.80 -8.57
N ILE A 33 5.76 -28.07 -8.60
CA ILE A 33 4.88 -27.74 -7.49
C ILE A 33 4.77 -28.93 -6.54
N LYS A 34 4.67 -28.65 -5.25
CA LYS A 34 4.57 -29.71 -4.26
C LYS A 34 3.12 -30.19 -4.17
N VAL A 35 2.89 -31.41 -4.65
CA VAL A 35 1.54 -31.92 -4.82
C VAL A 35 1.20 -33.01 -3.81
N GLU A 36 -0.04 -32.98 -3.34
CA GLU A 36 -0.61 -34.07 -2.57
C GLU A 36 -2.03 -34.27 -3.06
N SER A 37 -2.62 -35.42 -2.75
CA SER A 37 -3.94 -35.72 -3.27
C SER A 37 -4.79 -36.51 -2.28
N ALA A 38 -6.09 -36.48 -2.52
CA ALA A 38 -7.05 -37.23 -1.73
C ALA A 38 -8.10 -37.79 -2.68
N GLU A 39 -8.56 -39.01 -2.40
CA GLU A 39 -9.57 -39.65 -3.23
C GLU A 39 -10.97 -39.41 -2.68
N ARG A 40 -11.05 -39.04 -1.40
CA ARG A 40 -12.32 -38.86 -0.73
C ARG A 40 -12.35 -37.56 0.06
N GLY A 41 -13.56 -37.04 0.29
CA GLY A 41 -13.73 -35.82 1.06
C GLY A 41 -13.22 -35.93 2.48
N LYS A 42 -13.51 -37.04 3.14
CA LYS A 42 -13.06 -37.25 4.52
C LYS A 42 -11.54 -37.16 4.59
N GLU A 43 -10.87 -37.84 3.67
CA GLU A 43 -9.42 -37.79 3.59
C GLU A 43 -8.95 -36.36 3.39
N ALA A 44 -9.67 -35.61 2.56
CA ALA A 44 -9.31 -34.23 2.25
C ALA A 44 -9.44 -33.34 3.48
N TYR A 45 -10.54 -33.49 4.21
CA TYR A 45 -10.73 -32.72 5.44
C TYR A 45 -9.54 -32.90 6.38
N LYS A 46 -9.04 -34.12 6.51
CA LYS A 46 -7.92 -34.38 7.42
C LYS A 46 -6.64 -33.73 6.93
N LEU A 47 -6.33 -33.91 5.65
CA LEU A 47 -5.13 -33.29 5.06
C LEU A 47 -5.16 -31.76 5.22
N LEU A 48 -6.32 -31.17 4.93
CA LEU A 48 -6.47 -29.72 4.99
C LEU A 48 -6.37 -29.19 6.42
N SER A 49 -6.73 -30.02 7.40
CA SER A 49 -6.69 -29.59 8.79
C SER A 49 -5.30 -29.70 9.39
N GLU A 50 -4.43 -30.49 8.77
CA GLU A 50 -3.10 -30.75 9.32
C GLU A 50 -1.97 -30.08 8.53
N LYS A 51 -2.28 -29.67 7.31
CA LYS A 51 -1.31 -28.96 6.48
C LYS A 51 -1.99 -27.87 5.66
N HIS A 52 -1.39 -26.68 5.63
CA HIS A 52 -1.95 -25.58 4.86
C HIS A 52 -1.63 -25.73 3.38
N PHE A 53 -2.65 -25.61 2.55
CA PHE A 53 -2.46 -25.66 1.11
C PHE A 53 -2.76 -24.31 0.47
N ASN A 54 -1.95 -23.95 -0.51
CA ASN A 54 -2.04 -22.64 -1.14
C ASN A 54 -3.04 -22.66 -2.28
N VAL A 55 -3.11 -23.78 -2.98
CA VAL A 55 -4.11 -23.98 -4.01
C VAL A 55 -4.73 -25.37 -3.84
N VAL A 56 -6.04 -25.47 -4.11
CA VAL A 56 -6.73 -26.74 -4.01
C VAL A 56 -7.56 -27.00 -5.26
N LEU A 57 -7.38 -28.17 -5.86
CA LEU A 57 -8.26 -28.61 -6.94
C LEU A 57 -9.35 -29.49 -6.36
N LEU A 58 -10.59 -29.05 -6.48
CA LEU A 58 -11.70 -29.65 -5.74
C LEU A 58 -12.81 -30.22 -6.63
N ASP A 59 -12.89 -31.55 -6.67
CA ASP A 59 -14.00 -32.23 -7.34
C ASP A 59 -15.30 -31.92 -6.60
N LEU A 60 -16.30 -31.45 -7.34
CA LEU A 60 -17.59 -31.11 -6.73
C LEU A 60 -18.56 -32.30 -6.73
N LEU A 61 -18.16 -33.40 -7.35
CA LEU A 61 -18.98 -34.60 -7.37
C LEU A 61 -18.23 -35.78 -6.76
N LEU A 62 -17.91 -35.67 -5.48
CA LEU A 62 -17.28 -36.76 -4.76
C LEU A 62 -18.33 -37.79 -4.35
N PRO A 63 -17.90 -39.05 -4.16
CA PRO A 63 -18.84 -40.13 -3.83
C PRO A 63 -19.49 -40.01 -2.45
N ASP A 64 -18.73 -39.58 -1.44
CA ASP A 64 -19.22 -39.60 -0.07
C ASP A 64 -19.32 -38.22 0.58
N VAL A 65 -19.11 -37.17 -0.20
CA VAL A 65 -19.16 -35.81 0.33
C VAL A 65 -19.64 -34.81 -0.70
N ASN A 66 -20.26 -33.73 -0.24
CA ASN A 66 -20.67 -32.63 -1.10
C ASN A 66 -19.54 -31.63 -1.24
N GLY A 67 -19.06 -31.44 -2.47
CA GLY A 67 -17.92 -30.58 -2.73
C GLY A 67 -18.08 -29.16 -2.22
N LEU A 68 -19.24 -28.57 -2.43
CA LEU A 68 -19.48 -27.18 -2.03
C LEU A 68 -19.25 -27.00 -0.53
N GLU A 69 -19.52 -28.04 0.25
CA GLU A 69 -19.32 -27.96 1.69
C GLU A 69 -17.84 -27.86 2.03
N ILE A 70 -16.99 -28.52 1.24
CA ILE A 70 -15.55 -28.41 1.44
C ILE A 70 -15.12 -27.00 1.07
N LEU A 71 -15.59 -26.52 -0.08
CA LEU A 71 -15.32 -25.15 -0.52
C LEU A 71 -15.68 -24.15 0.57
N LYS A 72 -16.91 -24.26 1.08
CA LYS A 72 -17.40 -23.36 2.11
C LYS A 72 -16.51 -23.41 3.34
N TRP A 73 -16.18 -24.61 3.78
CA TRP A 73 -15.33 -24.80 4.95
C TRP A 73 -13.94 -24.19 4.73
N ILE A 74 -13.35 -24.45 3.57
CA ILE A 74 -12.03 -23.89 3.25
C ILE A 74 -12.04 -22.37 3.27
N LYS A 75 -13.07 -21.78 2.70
CA LYS A 75 -13.13 -20.33 2.55
C LYS A 75 -13.42 -19.58 3.85
N GLU A 76 -14.10 -20.23 4.78
CA GLU A 76 -14.37 -19.58 6.06
C GLU A 76 -13.17 -19.72 6.99
N ARG A 77 -12.43 -20.81 6.85
CA ARG A 77 -11.26 -21.04 7.70
C ARG A 77 -9.94 -20.59 7.04
N SER A 78 -9.88 -20.68 5.73
CA SER A 78 -8.63 -20.44 5.01
C SER A 78 -8.87 -19.76 3.66
N PRO A 79 -9.41 -18.52 3.68
CA PRO A 79 -9.69 -17.83 2.42
C PRO A 79 -8.43 -17.57 1.59
N GLU A 80 -7.26 -17.64 2.23
CA GLU A 80 -5.99 -17.48 1.53
C GLU A 80 -5.75 -18.61 0.53
N THR A 81 -6.47 -19.70 0.72
CA THR A 81 -6.34 -20.86 -0.16
C THR A 81 -7.18 -20.65 -1.40
N GLU A 82 -6.54 -20.73 -2.56
CA GLU A 82 -7.24 -20.57 -3.83
C GLU A 82 -7.84 -21.92 -4.22
N VAL A 83 -9.11 -21.92 -4.59
CA VAL A 83 -9.79 -23.16 -4.95
C VAL A 83 -10.26 -23.16 -6.40
N ILE A 84 -9.77 -24.13 -7.16
CA ILE A 84 -10.30 -24.40 -8.49
C ILE A 84 -11.18 -25.62 -8.37
N VAL A 85 -12.44 -25.50 -8.77
CA VAL A 85 -13.38 -26.61 -8.63
C VAL A 85 -13.47 -27.42 -9.91
N ILE A 86 -13.67 -28.72 -9.76
CA ILE A 86 -13.81 -29.61 -10.89
C ILE A 86 -15.27 -30.06 -10.97
N THR A 87 -15.89 -29.83 -12.12
CA THR A 87 -17.30 -30.14 -12.28
C THR A 87 -17.52 -31.02 -13.51
N GLY A 88 -18.74 -31.53 -13.65
CA GLY A 88 -19.11 -32.29 -14.83
C GLY A 88 -19.64 -31.37 -15.90
N HIS A 89 -19.72 -31.87 -17.13
CA HIS A 89 -20.27 -31.10 -18.23
C HIS A 89 -21.75 -30.79 -17.98
N GLY A 90 -22.41 -31.67 -17.25
CA GLY A 90 -23.82 -31.49 -16.94
C GLY A 90 -24.07 -30.33 -16.01
N THR A 91 -23.39 -30.33 -14.87
CA THR A 91 -23.59 -29.30 -13.86
C THR A 91 -22.74 -28.06 -14.08
N ILE A 92 -23.27 -27.09 -14.81
CA ILE A 92 -22.56 -25.82 -14.99
C ILE A 92 -22.91 -24.83 -13.89
N LYS A 93 -24.18 -24.76 -13.51
CA LYS A 93 -24.62 -23.75 -12.57
C LYS A 93 -24.03 -23.97 -11.18
N THR A 94 -23.73 -25.22 -10.85
CA THR A 94 -23.05 -25.52 -9.60
C THR A 94 -21.66 -24.88 -9.60
N ALA A 95 -21.05 -24.78 -10.79
CA ALA A 95 -19.78 -24.10 -10.93
C ALA A 95 -19.94 -22.62 -10.64
N VAL A 96 -21.01 -22.03 -11.17
CA VAL A 96 -21.32 -20.63 -10.91
C VAL A 96 -21.52 -20.39 -9.42
N GLU A 97 -22.23 -21.29 -8.78
CA GLU A 97 -22.45 -21.21 -7.33
C GLU A 97 -21.10 -21.23 -6.62
N ALA A 98 -20.21 -22.09 -7.08
CA ALA A 98 -18.88 -22.21 -6.49
C ALA A 98 -18.15 -20.88 -6.57
N MET A 99 -18.26 -20.22 -7.72
CA MET A 99 -17.64 -18.91 -7.92
C MET A 99 -18.18 -17.90 -6.92
N LYS A 100 -19.50 -17.91 -6.72
CA LYS A 100 -20.15 -17.04 -5.75
C LYS A 100 -19.61 -17.33 -4.35
N MET A 101 -19.26 -18.58 -4.10
CA MET A 101 -18.79 -19.00 -2.79
C MET A 101 -17.30 -18.74 -2.57
N GLY A 102 -16.62 -18.27 -3.61
CA GLY A 102 -15.23 -17.88 -3.49
C GLY A 102 -14.22 -18.69 -4.29
N ALA A 103 -14.69 -19.68 -5.03
CA ALA A 103 -13.79 -20.44 -5.90
C ALA A 103 -13.20 -19.50 -6.95
N TYR A 104 -11.98 -19.79 -7.39
CA TYR A 104 -11.27 -18.92 -8.32
C TYR A 104 -11.64 -19.21 -9.78
N ASP A 105 -11.80 -20.48 -10.10
CA ASP A 105 -12.06 -20.90 -11.47
C ASP A 105 -12.61 -22.32 -11.41
N PHE A 106 -12.91 -22.91 -12.56
CA PHE A 106 -13.42 -24.28 -12.56
C PHE A 106 -12.95 -25.07 -13.78
N LEU A 107 -12.94 -26.39 -13.63
CA LEU A 107 -12.58 -27.30 -14.71
C LEU A 107 -13.75 -28.22 -15.02
N THR A 108 -14.12 -28.30 -16.30
CA THR A 108 -15.15 -29.24 -16.72
C THR A 108 -14.53 -30.59 -17.04
N LYS A 109 -15.16 -31.64 -16.53
CA LYS A 109 -14.68 -33.00 -16.73
C LYS A 109 -15.61 -33.73 -17.67
N PRO A 110 -15.07 -34.23 -18.81
CA PRO A 110 -13.68 -34.15 -19.23
C PRO A 110 -13.37 -32.90 -20.02
N CYS A 111 -12.12 -32.74 -20.44
CA CYS A 111 -11.70 -31.62 -21.27
C CYS A 111 -10.39 -31.95 -21.95
N MET A 112 -9.91 -31.05 -22.80
CA MET A 112 -8.64 -31.23 -23.47
C MET A 112 -7.49 -30.96 -22.51
N LEU A 113 -6.40 -31.70 -22.67
CA LEU A 113 -5.24 -31.56 -21.80
C LEU A 113 -4.78 -30.11 -21.71
N GLU A 114 -4.77 -29.43 -22.86
CA GLU A 114 -4.31 -28.05 -22.91
C GLU A 114 -5.18 -27.15 -22.03
N GLU A 115 -6.46 -27.48 -21.92
CA GLU A 115 -7.37 -26.69 -21.09
C GLU A 115 -6.97 -26.81 -19.62
N ILE A 116 -6.63 -28.04 -19.21
CA ILE A 116 -6.19 -28.27 -17.84
C ILE A 116 -4.96 -27.45 -17.51
N GLU A 117 -3.96 -27.53 -18.39
CA GLU A 117 -2.69 -26.85 -18.17
C GLU A 117 -2.89 -25.35 -18.02
N LEU A 118 -3.67 -24.77 -18.92
CA LEU A 118 -3.91 -23.33 -18.90
C LEU A 118 -4.64 -22.90 -17.63
N THR A 119 -5.62 -23.70 -17.21
CA THR A 119 -6.35 -23.40 -15.98
C THR A 119 -5.42 -23.44 -14.78
N ILE A 120 -4.59 -24.46 -14.70
CA ILE A 120 -3.65 -24.59 -13.60
C ILE A 120 -2.65 -23.43 -13.63
N ASN A 121 -2.15 -23.12 -14.82
CA ASN A 121 -1.21 -22.01 -14.97
C ASN A 121 -1.75 -20.72 -14.36
N LYS A 122 -2.98 -20.36 -14.72
CA LYS A 122 -3.54 -19.10 -14.27
C LYS A 122 -3.89 -19.12 -12.79
N ALA A 123 -4.18 -20.31 -12.27
CA ALA A 123 -4.43 -20.44 -10.85
C ALA A 123 -3.14 -20.20 -10.06
N ILE A 124 -2.03 -20.76 -10.54
CA ILE A 124 -0.75 -20.59 -9.87
C ILE A 124 -0.33 -19.14 -9.92
N GLU A 125 -0.47 -18.54 -11.09
CA GLU A 125 -0.17 -17.14 -11.30
C GLU A 125 -0.96 -16.28 -10.33
N HIS A 126 -2.27 -16.55 -10.25
CA HIS A 126 -3.15 -15.79 -9.38
C HIS A 126 -2.67 -15.82 -7.93
N ARG A 127 -2.35 -17.02 -7.46
CA ARG A 127 -1.87 -17.18 -6.09
C ARG A 127 -0.63 -16.33 -5.86
N LYS A 128 0.33 -16.41 -6.78
CA LYS A 128 1.57 -15.65 -6.64
C LYS A 128 1.31 -14.15 -6.59
N LEU A 129 0.41 -13.66 -7.44
CA LEU A 129 0.08 -12.23 -7.44
C LEU A 129 -0.57 -11.82 -6.13
N ARG A 130 -1.52 -12.62 -5.66
CA ARG A 130 -2.19 -12.32 -4.39
C ARG A 130 -1.21 -12.35 -3.23
N LYS A 131 -0.32 -13.33 -3.24
CA LYS A 131 0.67 -13.48 -2.19
C LYS A 131 1.56 -12.23 -2.14
N GLU A 132 2.16 -11.90 -3.28
CA GLU A 132 3.06 -10.76 -3.36
C GLU A 132 2.32 -9.46 -3.08
N ASN A 133 1.08 -9.37 -3.56
CA ASN A 133 0.23 -8.21 -3.31
C ASN A 133 0.05 -7.99 -1.80
N GLU A 134 -0.30 -9.06 -1.10
CA GLU A 134 -0.49 -9.01 0.35
C GLU A 134 0.82 -8.70 1.06
N LEU A 135 1.91 -9.31 0.60
CA LEU A 135 3.23 -9.08 1.18
C LEU A 135 3.60 -7.60 1.15
N LEU A 136 3.50 -6.99 -0.03
CA LEU A 136 3.91 -5.61 -0.23
C LEU A 136 3.04 -4.63 0.56
N ARG A 137 1.73 -4.88 0.60
CA ARG A 137 0.83 -4.02 1.35
C ARG A 137 1.10 -4.09 2.85
N ARG A 138 1.31 -5.30 3.37
CA ARG A 138 1.54 -5.45 4.79
C ARG A 138 2.91 -4.95 5.19
N GLU A 139 3.86 -5.00 4.26
CA GLU A 139 5.16 -4.39 4.49
C GLU A 139 4.99 -2.89 4.69
N LYS A 140 4.09 -2.28 3.92
CA LYS A 140 3.78 -0.86 4.06
C LYS A 140 3.10 -0.56 5.38
N ASP A 141 2.04 -1.30 5.68
CA ASP A 141 1.26 -1.08 6.89
C ASP A 141 2.12 -1.11 8.14
N LEU A 142 3.18 -1.92 8.11
CA LEU A 142 4.03 -2.09 9.27
C LEU A 142 4.99 -0.90 9.43
N LYS A 143 5.21 -0.18 8.34
CA LYS A 143 6.18 0.93 8.34
C LYS A 143 5.56 2.25 8.79
N GLU A 144 4.24 2.27 9.03
CA GLU A 144 3.55 3.49 9.44
C GLU A 144 3.16 3.44 10.91
N GLU A 146 1.57 4.78 14.59
CA GLU A 146 0.41 5.52 15.07
C GLU A 146 0.77 6.98 15.31
N TYR A 147 -0.11 7.87 14.87
CA TYR A 147 0.11 9.30 14.98
C TYR A 147 -0.28 9.79 16.37
N VAL A 148 0.57 10.60 16.98
CA VAL A 148 0.30 11.16 18.31
C VAL A 148 0.16 12.68 18.23
N PHE A 149 -1.08 13.16 18.38
CA PHE A 149 -1.33 14.59 18.33
C PHE A 149 -2.52 14.97 19.21
N GLU A 150 -2.21 15.47 20.40
CA GLU A 150 -3.22 15.78 21.41
C GLU A 150 -3.55 17.27 21.43
N SER A 151 -2.77 18.07 20.70
CA SER A 151 -2.98 19.52 20.70
C SER A 151 -4.33 19.86 20.06
N PRO A 152 -4.95 20.96 20.52
CA PRO A 152 -6.24 21.38 19.96
C PRO A 152 -6.19 21.68 18.47
N LYS A 153 -5.08 22.22 17.98
CA LYS A 153 -4.98 22.59 16.57
C LYS A 153 -4.97 21.37 15.66
N MET A 154 -4.31 20.30 16.08
CA MET A 154 -4.31 19.07 15.31
C MET A 154 -5.66 18.38 15.38
N LYS A 155 -6.36 18.57 16.49
CA LYS A 155 -7.69 18.00 16.66
C LYS A 155 -8.69 18.65 15.71
N GLU A 156 -8.62 19.97 15.58
CA GLU A 156 -9.49 20.69 14.66
C GLU A 156 -9.17 20.36 13.21
N ILE A 157 -7.91 20.06 12.94
CA ILE A 157 -7.50 19.58 11.62
C ILE A 157 -8.16 18.23 11.33
N LEU A 158 -8.21 17.37 12.35
CA LEU A 158 -8.90 16.09 12.22
C LEU A 158 -10.37 16.32 11.90
N GLU A 159 -10.96 17.30 12.57
CA GLU A 159 -12.36 17.66 12.34
C GLU A 159 -12.56 18.18 10.93
N LYS A 160 -11.60 18.97 10.44
CA LYS A 160 -11.71 19.50 9.08
C LYS A 160 -11.64 18.35 8.08
N ILE A 161 -10.77 17.37 8.33
CA ILE A 161 -10.65 16.21 7.47
C ILE A 161 -11.95 15.43 7.37
N LYS A 162 -12.68 15.36 8.48
CA LYS A 162 -13.97 14.67 8.50
C LYS A 162 -14.98 15.34 7.58
N LYS A 163 -14.89 16.67 7.49
CA LYS A 163 -15.83 17.47 6.71
C LYS A 163 -15.65 17.29 5.20
N ILE A 164 -14.52 16.72 4.78
CA ILE A 164 -14.27 16.54 3.36
C ILE A 164 -15.09 15.38 2.80
N SER A 165 -16.21 15.71 2.14
CA SER A 165 -17.11 14.70 1.58
C SER A 165 -16.82 14.50 0.10
N CYS A 166 -16.07 15.43 -0.47
CA CYS A 166 -15.67 15.34 -1.86
CA CYS A 166 -15.67 15.34 -1.86
C CYS A 166 -14.74 14.16 -2.07
N ALA A 167 -15.01 13.35 -3.09
CA ALA A 167 -14.27 12.12 -3.32
C ALA A 167 -12.98 12.32 -4.12
N GLU A 168 -13.03 13.18 -5.14
CA GLU A 168 -11.92 13.31 -6.07
C GLU A 168 -11.20 14.65 -5.98
N CYS A 169 -11.73 15.57 -5.18
CA CYS A 169 -11.15 16.90 -5.08
C CYS A 169 -9.73 16.84 -4.53
N PRO A 170 -8.81 17.60 -5.15
CA PRO A 170 -7.43 17.61 -4.63
C PRO A 170 -7.39 18.31 -3.29
N VAL A 171 -6.33 18.08 -2.52
CA VAL A 171 -6.12 18.78 -1.26
C VAL A 171 -4.66 19.19 -1.16
N LEU A 172 -4.43 20.41 -0.71
CA LEU A 172 -3.08 20.92 -0.51
C LEU A 172 -2.78 20.95 0.97
N ILE A 173 -1.62 20.43 1.35
CA ILE A 173 -1.21 20.39 2.74
C ILE A 173 0.06 21.19 2.91
N THR A 174 0.00 22.25 3.72
CA THR A 174 1.12 23.15 3.86
C THR A 174 1.62 23.23 5.31
N GLY A 175 2.86 23.68 5.47
CA GLY A 175 3.48 23.78 6.77
C GLY A 175 4.97 24.05 6.62
N GLU A 176 5.61 24.48 7.70
CA GLU A 176 7.03 24.80 7.68
C GLU A 176 7.87 23.57 7.34
N SER A 177 9.14 23.82 7.04
CA SER A 177 10.10 22.74 6.81
C SER A 177 10.19 21.86 8.05
N GLY A 178 10.18 20.56 7.84
CA GLY A 178 10.32 19.62 8.94
C GLY A 178 9.00 19.20 9.54
N VAL A 179 7.91 19.81 9.09
CA VAL A 179 6.58 19.42 9.56
C VAL A 179 6.09 18.24 8.75
N GLY A 180 5.50 17.27 9.43
CA GLY A 180 5.03 16.05 8.80
C GLY A 180 3.67 16.24 8.15
N LYS A 181 3.64 16.08 6.84
CA LYS A 181 2.42 16.32 6.07
C LYS A 181 1.83 15.01 5.54
N GLU A 182 2.65 13.96 5.53
CA GLU A 182 2.19 12.67 5.01
C GLU A 182 1.18 12.02 5.94
N VAL A 183 1.30 12.26 7.23
CA VAL A 183 0.35 11.72 8.20
C VAL A 183 -1.04 12.27 7.89
N VAL A 184 -1.13 13.58 7.67
CA VAL A 184 -2.40 14.22 7.33
C VAL A 184 -2.95 13.67 6.02
N ALA A 185 -2.07 13.45 5.05
CA ALA A 185 -2.49 12.95 3.74
C ALA A 185 -3.10 11.56 3.89
N ARG A 186 -2.49 10.72 4.74
CA ARG A 186 -3.01 9.38 5.01
C ARG A 186 -4.37 9.46 5.68
N LEU A 187 -4.53 10.38 6.62
CA LEU A 187 -5.80 10.52 7.32
C LEU A 187 -6.91 10.92 6.35
N ILE A 188 -6.58 11.80 5.39
CA ILE A 188 -7.54 12.17 4.36
C ILE A 188 -7.93 10.93 3.55
N HIS A 189 -6.91 10.18 3.13
CA HIS A 189 -7.14 8.95 2.38
C HIS A 189 -8.04 7.97 3.15
N LYS A 190 -7.74 7.77 4.44
CA LYS A 190 -8.49 6.83 5.27
C LYS A 190 -9.95 7.20 5.36
N SER A 191 -10.24 8.50 5.39
CA SER A 191 -11.61 8.99 5.50
C SER A 191 -12.30 9.11 4.15
N SER A 192 -11.54 8.93 3.08
CA SER A 192 -12.08 9.12 1.73
C SER A 192 -12.89 7.91 1.30
N ASP A 193 -13.54 8.02 0.15
CA ASP A 193 -14.36 6.93 -0.36
C ASP A 193 -13.53 5.92 -1.16
N ARG A 194 -12.22 6.16 -1.25
CA ARG A 194 -11.32 5.18 -1.86
C ARG A 194 -10.26 4.75 -0.84
N SER A 195 -10.68 4.68 0.42
CA SER A 195 -9.78 4.31 1.51
C SER A 195 -9.27 2.87 1.38
N LYS A 196 -10.03 2.04 0.67
CA LYS A 196 -9.64 0.65 0.50
C LYS A 196 -8.77 0.46 -0.74
N GLU A 197 -8.57 1.55 -1.50
CA GLU A 197 -7.67 1.54 -2.64
C GLU A 197 -6.30 2.00 -2.19
N PRO A 198 -5.26 1.72 -2.98
CA PRO A 198 -3.90 2.04 -2.52
C PRO A 198 -3.65 3.53 -2.30
N PHE A 199 -2.75 3.82 -1.36
CA PHE A 199 -2.26 5.16 -1.11
C PHE A 199 -0.77 5.18 -1.42
N VAL A 200 -0.37 6.03 -2.35
CA VAL A 200 1.01 6.07 -2.83
C VAL A 200 1.66 7.41 -2.50
N ALA A 201 2.79 7.35 -1.80
CA ALA A 201 3.53 8.56 -1.47
C ALA A 201 4.76 8.66 -2.35
N LEU A 202 4.94 9.81 -2.99
CA LEU A 202 6.12 10.07 -3.79
C LEU A 202 6.87 11.26 -3.22
N ASN A 203 8.14 11.07 -2.88
CA ASN A 203 8.96 12.17 -2.42
C ASN A 203 9.59 12.87 -3.61
N VAL A 204 8.92 13.92 -4.08
CA VAL A 204 9.33 14.61 -5.29
C VAL A 204 10.74 15.18 -5.16
N ALA A 205 11.11 15.54 -3.94
CA ALA A 205 12.38 16.23 -3.70
C ALA A 205 13.57 15.31 -3.52
N SER A 206 13.34 13.99 -3.51
CA SER A 206 14.44 13.04 -3.33
C SER A 206 14.71 12.24 -4.60
N ILE A 207 13.99 12.56 -5.66
CA ILE A 207 14.19 11.90 -6.95
C ILE A 207 14.57 12.96 -7.98
N PRO A 208 15.69 12.78 -8.67
CA PRO A 208 16.07 13.79 -9.66
C PRO A 208 14.96 14.04 -10.68
N ARG A 209 14.82 15.28 -11.14
CA ARG A 209 13.65 15.69 -11.91
C ARG A 209 13.38 14.78 -13.12
N ASP A 210 14.36 14.65 -14.00
CA ASP A 210 14.19 13.88 -15.23
C ASP A 210 13.58 12.51 -14.97
N ILE A 211 14.21 11.74 -14.10
CA ILE A 211 13.71 10.41 -13.76
C ILE A 211 12.35 10.46 -13.06
N PHE A 212 12.07 11.56 -12.36
CA PHE A 212 10.80 11.67 -11.64
C PHE A 212 9.63 11.82 -12.61
N GLU A 213 9.77 12.70 -13.58
CA GLU A 213 8.72 12.94 -14.56
C GLU A 213 8.48 11.70 -15.40
N ALA A 214 9.56 10.98 -15.69
CA ALA A 214 9.46 9.74 -16.45
C ALA A 214 8.68 8.73 -15.64
N GLU A 215 9.02 8.62 -14.35
CA GLU A 215 8.36 7.70 -13.43
C GLU A 215 6.89 8.05 -13.25
N LEU A 216 6.60 9.35 -13.15
CA LEU A 216 5.26 9.80 -12.83
C LEU A 216 4.29 9.64 -14.01
N PHE A 217 4.73 10.02 -15.20
CA PHE A 217 3.85 10.00 -16.35
C PHE A 217 4.18 8.86 -17.31
N GLY A 218 5.33 8.22 -17.09
CA GLY A 218 5.75 7.13 -17.95
C GLY A 218 6.25 7.67 -19.28
N TYR A 219 6.66 6.77 -20.16
CA TYR A 219 7.15 7.16 -21.47
C TYR A 219 6.90 6.06 -22.50
N GLU A 220 6.97 6.44 -23.77
CA GLU A 220 6.84 5.49 -24.86
C GLU A 220 8.19 5.35 -25.55
N LYS A 221 8.36 4.27 -26.31
CA LYS A 221 9.64 3.95 -26.91
C LYS A 221 10.29 5.14 -27.59
N GLY A 222 11.51 5.47 -27.15
CA GLY A 222 12.22 6.63 -27.65
C GLY A 222 12.16 7.79 -26.67
N ALA A 223 13.14 8.67 -26.74
CA ALA A 223 13.20 9.82 -25.85
C ALA A 223 13.41 9.39 -24.40
N ALA A 227 15.89 4.85 -22.67
CA ALA A 227 14.61 5.13 -23.32
C ALA A 227 14.26 4.01 -24.31
N VAL A 228 14.54 2.77 -23.90
CA VAL A 228 14.43 1.64 -24.81
C VAL A 228 12.99 1.13 -24.97
N SER A 229 12.30 0.95 -23.84
CA SER A 229 11.00 0.26 -23.85
C SER A 229 9.92 1.03 -23.10
N SER A 230 8.66 0.68 -23.33
CA SER A 230 7.54 1.39 -22.72
C SER A 230 7.53 1.24 -21.21
N LYS A 231 7.26 2.34 -20.51
CA LYS A 231 7.11 2.30 -19.06
C LYS A 231 5.90 3.12 -18.64
N GLU A 232 4.89 2.45 -18.11
CA GLU A 232 3.70 3.13 -17.62
C GLU A 232 4.05 3.98 -16.39
N GLY A 233 3.33 5.08 -16.20
CA GLY A 233 3.62 6.00 -15.11
C GLY A 233 2.92 5.62 -13.82
N PHE A 234 3.36 6.22 -12.72
CA PHE A 234 2.69 6.02 -11.44
C PHE A 234 1.23 6.42 -11.53
N PHE A 235 0.93 7.36 -12.41
CA PHE A 235 -0.45 7.80 -12.56
C PHE A 235 -1.35 6.69 -13.06
N GLU A 236 -0.85 5.92 -14.02
CA GLU A 236 -1.61 4.79 -14.54
C GLU A 236 -1.76 3.73 -13.47
N LEU A 237 -0.69 3.50 -12.74
CA LEU A 237 -0.66 2.45 -11.73
C LEU A 237 -1.49 2.83 -10.51
N ALA A 238 -1.60 4.12 -10.23
CA ALA A 238 -2.37 4.59 -9.08
C ALA A 238 -3.84 4.80 -9.42
N ASP A 239 -4.24 4.43 -10.64
CA ASP A 239 -5.62 4.60 -11.05
C ASP A 239 -6.57 3.93 -10.05
N GLY A 240 -7.54 4.68 -9.56
CA GLY A 240 -8.48 4.18 -8.58
C GLY A 240 -8.07 4.49 -7.16
N GLY A 241 -6.83 4.95 -7.00
CA GLY A 241 -6.28 5.20 -5.68
C GLY A 241 -5.94 6.65 -5.43
N THR A 242 -5.03 6.87 -4.49
CA THR A 242 -4.66 8.21 -4.07
C THR A 242 -3.15 8.39 -4.19
N LEU A 243 -2.75 9.47 -4.83
CA LEU A 243 -1.33 9.76 -5.03
C LEU A 243 -0.93 11.01 -4.27
N PHE A 244 -0.01 10.85 -3.33
CA PHE A 244 0.46 11.95 -2.50
C PHE A 244 1.82 12.47 -2.97
N LEU A 245 1.84 13.70 -3.49
CA LEU A 245 3.09 14.33 -3.93
C LEU A 245 3.65 15.22 -2.83
N ASP A 246 4.73 14.75 -2.23
CA ASP A 246 5.29 15.33 -1.00
C ASP A 246 5.69 16.81 -1.15
N GLU A 247 6.33 17.16 -2.26
CA GLU A 247 6.77 18.54 -2.48
C GLU A 247 6.54 18.97 -3.92
N ILE A 248 5.37 19.55 -4.17
CA ILE A 248 4.99 19.97 -5.52
C ILE A 248 5.84 21.13 -6.03
N GLY A 249 6.53 21.82 -5.13
CA GLY A 249 7.40 22.91 -5.53
C GLY A 249 8.49 22.44 -6.46
N GLU A 250 8.80 21.15 -6.40
CA GLU A 250 9.89 20.57 -7.17
C GLU A 250 9.45 20.04 -8.54
N LEU A 251 8.20 20.34 -8.92
CA LEU A 251 7.70 19.95 -10.24
C LEU A 251 8.14 20.98 -11.28
N SER A 252 8.62 20.51 -12.42
CA SER A 252 8.91 21.39 -13.54
C SER A 252 7.59 21.95 -14.07
N LEU A 253 7.68 23.01 -14.86
CA LEU A 253 6.48 23.63 -15.44
C LEU A 253 5.75 22.63 -16.33
N GLU A 254 6.50 21.78 -17.01
CA GLU A 254 5.92 20.81 -17.92
C GLU A 254 5.14 19.76 -17.13
N ALA A 255 5.69 19.35 -15.99
CA ALA A 255 5.03 18.37 -15.14
C ALA A 255 3.76 18.97 -14.54
N GLN A 256 3.83 20.23 -14.15
CA GLN A 256 2.68 20.94 -13.59
C GLN A 256 1.54 20.97 -14.60
N ALA A 257 1.85 21.25 -15.85
CA ALA A 257 0.83 21.32 -16.89
C ALA A 257 0.14 19.98 -17.05
N LYS A 258 0.92 18.91 -17.08
CA LYS A 258 0.38 17.56 -17.19
C LYS A 258 -0.48 17.23 -15.98
N LEU A 259 0.01 17.60 -14.79
CA LEU A 259 -0.71 17.32 -13.55
C LEU A 259 -2.10 17.95 -13.57
N LEU A 260 -2.20 19.20 -14.01
CA LEU A 260 -3.48 19.89 -14.06
C LEU A 260 -4.44 19.17 -15.01
N ARG A 261 -3.92 18.73 -16.16
CA ARG A 261 -4.74 18.00 -17.12
C ARG A 261 -5.27 16.70 -16.52
N VAL A 262 -4.44 16.00 -15.76
CA VAL A 262 -4.87 14.79 -15.07
C VAL A 262 -5.99 15.10 -14.09
N ILE A 263 -5.81 16.16 -13.32
CA ILE A 263 -6.79 16.55 -12.31
C ILE A 263 -8.12 16.93 -12.95
N GLU A 264 -8.06 17.66 -14.06
CA GLU A 264 -9.26 18.23 -14.67
C GLU A 264 -9.96 17.31 -15.68
N SER A 265 -9.18 16.61 -16.51
CA SER A 265 -9.76 15.72 -17.51
C SER A 265 -9.53 14.22 -17.21
N GLY A 266 -8.48 13.92 -16.46
CA GLY A 266 -8.09 12.54 -16.23
C GLY A 266 -7.34 11.95 -17.42
N LYS A 267 -7.20 12.73 -18.49
CA LYS A 267 -6.53 12.28 -19.71
C LYS A 267 -5.21 13.00 -19.92
N PHE A 268 -4.18 12.24 -20.27
CA PHE A 268 -2.86 12.80 -20.55
C PHE A 268 -2.07 11.84 -21.43
N TYR A 269 -0.85 12.23 -21.78
CA TYR A 269 0.02 11.40 -22.60
C TYR A 269 1.33 11.14 -21.88
N ARG A 270 1.90 9.96 -22.07
CA ARG A 270 3.24 9.68 -21.55
C ARG A 270 4.24 10.61 -22.23
N LEU A 271 5.45 10.66 -21.70
CA LEU A 271 6.53 11.40 -22.33
C LEU A 271 6.74 10.90 -23.76
N GLY A 272 6.58 11.81 -24.72
CA GLY A 272 6.80 11.50 -26.12
C GLY A 272 5.91 10.39 -26.65
N GLY A 273 4.68 10.33 -26.13
CA GLY A 273 3.74 9.33 -26.57
C GLY A 273 2.58 9.97 -27.32
N ARG A 274 1.81 9.14 -28.03
CA ARG A 274 0.63 9.62 -28.73
C ARG A 274 -0.61 8.82 -28.36
N LYS A 275 -0.49 8.01 -27.31
CA LYS A 275 -1.63 7.26 -26.79
C LYS A 275 -2.25 8.01 -25.62
N GLU A 276 -3.54 8.33 -25.73
CA GLU A 276 -4.26 8.94 -24.63
C GLU A 276 -4.29 7.95 -23.47
N ILE A 277 -3.96 8.44 -22.30
CA ILE A 277 -4.06 7.64 -21.08
C ILE A 277 -5.12 8.25 -20.19
N GLU A 278 -5.99 7.40 -19.65
CA GLU A 278 -7.16 7.87 -18.93
C GLU A 278 -7.24 7.21 -17.56
N VAL A 279 -7.11 8.03 -16.51
CA VAL A 279 -7.10 7.53 -15.15
C VAL A 279 -7.93 8.39 -14.22
N ASN A 280 -8.24 7.83 -13.06
CA ASN A 280 -8.96 8.53 -12.00
C ASN A 280 -8.12 8.44 -10.74
N VAL A 281 -7.26 9.43 -10.54
CA VAL A 281 -6.35 9.43 -9.42
C VAL A 281 -6.60 10.65 -8.57
N ARG A 282 -6.71 10.44 -7.27
CA ARG A 282 -6.99 11.53 -6.34
C ARG A 282 -5.66 12.12 -5.88
N ILE A 283 -5.49 13.43 -6.08
CA ILE A 283 -4.22 14.08 -5.78
C ILE A 283 -4.22 14.74 -4.40
N LEU A 284 -3.26 14.33 -3.59
CA LEU A 284 -2.94 15.03 -2.35
C LEU A 284 -1.55 15.61 -2.53
N ALA A 285 -1.43 16.92 -2.33
CA ALA A 285 -0.17 17.60 -2.57
C ALA A 285 0.30 18.31 -1.32
N ALA A 286 1.61 18.36 -1.14
CA ALA A 286 2.19 19.03 0.00
C ALA A 286 3.38 19.88 -0.43
N THR A 287 3.71 20.88 0.38
CA THR A 287 4.87 21.71 0.12
C THR A 287 5.25 22.45 1.40
N ASN A 288 6.56 22.63 1.60
CA ASN A 288 7.06 23.44 2.71
C ASN A 288 7.49 24.81 2.19
N ARG A 289 6.91 25.21 1.05
CA ARG A 289 7.36 26.41 0.36
C ARG A 289 6.24 27.39 0.10
N ASN A 290 6.60 28.58 -0.36
CA ASN A 290 5.66 29.63 -0.66
C ASN A 290 5.28 29.59 -2.12
N ILE A 291 4.24 28.84 -2.45
CA ILE A 291 3.83 28.65 -3.84
C ILE A 291 3.35 29.97 -4.43
N LYS A 292 2.75 30.82 -3.59
CA LYS A 292 2.27 32.11 -4.03
C LYS A 292 3.42 32.91 -4.64
N GLU A 293 4.58 32.84 -4.02
CA GLU A 293 5.77 33.52 -4.53
C GLU A 293 6.30 32.83 -5.79
N LEU A 294 6.30 31.50 -5.78
CA LEU A 294 6.78 30.74 -6.92
C LEU A 294 5.95 31.05 -8.17
N VAL A 295 4.66 31.31 -7.97
CA VAL A 295 3.78 31.66 -9.07
C VAL A 295 4.18 33.02 -9.65
N LYS A 296 4.42 33.98 -8.76
CA LYS A 296 4.81 35.32 -9.17
C LYS A 296 6.15 35.32 -9.90
N GLU A 297 7.02 34.37 -9.54
CA GLU A 297 8.33 34.26 -10.15
C GLU A 297 8.29 33.41 -11.43
N GLY A 298 7.10 32.99 -11.82
CA GLY A 298 6.92 32.20 -13.03
C GLY A 298 7.38 30.77 -12.90
N LYS A 299 7.76 30.37 -11.69
CA LYS A 299 8.26 29.02 -11.44
C LYS A 299 7.14 28.03 -11.10
N PHE A 300 5.90 28.50 -11.10
CA PHE A 300 4.75 27.64 -10.80
C PHE A 300 3.50 28.18 -11.47
N ARG A 301 2.71 27.28 -12.06
CA ARG A 301 1.51 27.68 -12.78
C ARG A 301 0.43 28.18 -11.82
N GLU A 302 -0.18 29.31 -12.17
CA GLU A 302 -1.22 29.90 -11.34
C GLU A 302 -2.46 29.02 -11.29
N ASP A 303 -2.87 28.49 -12.43
CA ASP A 303 -4.08 27.68 -12.51
C ASP A 303 -3.95 26.39 -11.70
N LEU A 304 -2.77 25.79 -11.69
CA LEU A 304 -2.53 24.59 -10.90
C LEU A 304 -2.57 24.92 -9.41
N TYR A 305 -1.98 26.05 -9.04
CA TYR A 305 -1.98 26.49 -7.65
C TYR A 305 -3.40 26.71 -7.15
N TYR A 306 -4.23 27.36 -7.98
CA TYR A 306 -5.62 27.59 -7.59
C TYR A 306 -6.36 26.27 -7.40
N ARG A 307 -6.13 25.34 -8.31
CA ARG A 307 -6.84 24.07 -8.29
C ARG A 307 -6.47 23.26 -7.04
N LEU A 308 -5.18 23.13 -6.78
CA LEU A 308 -4.70 22.35 -5.63
C LEU A 308 -5.12 23.00 -4.32
N GLY A 309 -5.17 24.32 -4.30
CA GLY A 309 -5.34 25.08 -3.08
C GLY A 309 -6.77 25.38 -2.66
N VAL A 310 -7.76 24.95 -3.44
CA VAL A 310 -9.14 25.21 -3.08
C VAL A 310 -9.41 24.67 -1.67
N ILE A 311 -9.07 23.41 -1.45
CA ILE A 311 -9.07 22.84 -0.11
C ILE A 311 -7.64 22.76 0.40
N GLU A 312 -7.33 23.52 1.44
CA GLU A 312 -5.98 23.57 1.97
C GLU A 312 -5.95 23.32 3.47
N ILE A 313 -5.12 22.37 3.89
CA ILE A 313 -4.89 22.12 5.30
C ILE A 313 -3.54 22.69 5.72
N GLU A 314 -3.58 23.71 6.57
CA GLU A 314 -2.37 24.37 7.06
C GLU A 314 -1.98 23.76 8.40
N ILE A 315 -0.87 23.02 8.41
CA ILE A 315 -0.39 22.45 9.66
C ILE A 315 0.51 23.46 10.36
N PRO A 316 0.13 23.87 11.58
CA PRO A 316 0.96 24.85 12.29
C PRO A 316 2.22 24.21 12.86
N PRO A 317 3.28 24.99 13.05
CA PRO A 317 4.56 24.47 13.54
C PRO A 317 4.45 23.93 14.96
N LEU A 318 5.45 23.17 15.39
CA LEU A 318 5.42 22.54 16.71
C LEU A 318 5.27 23.58 17.83
N ARG A 319 5.97 24.69 17.69
CA ARG A 319 5.98 25.72 18.73
C ARG A 319 4.58 26.29 18.97
N GLU A 320 3.69 26.08 18.01
CA GLU A 320 2.30 26.53 18.14
C GLU A 320 1.39 25.41 18.62
N ARG A 321 1.98 24.23 18.83
CA ARG A 321 1.25 23.04 19.29
C ARG A 321 2.00 22.38 20.43
N LYS A 322 2.35 23.14 21.45
CA LYS A 322 3.23 22.66 22.50
C LYS A 322 2.74 21.39 23.19
N GLU A 323 1.45 21.11 23.08
CA GLU A 323 0.88 19.91 23.70
C GLU A 323 1.37 18.63 23.01
N ASP A 324 1.89 18.76 21.78
CA ASP A 324 2.33 17.61 21.02
C ASP A 324 3.80 17.28 21.24
N ILE A 325 4.54 18.22 21.83
CA ILE A 325 5.98 18.09 21.95
C ILE A 325 6.42 16.91 22.82
N ILE A 326 5.91 16.83 24.04
CA ILE A 326 6.32 15.76 24.96
C ILE A 326 5.87 14.38 24.46
N PRO A 327 4.62 14.27 23.99
CA PRO A 327 4.18 12.98 23.44
C PRO A 327 5.06 12.52 22.28
N LEU A 328 5.43 13.43 21.38
CA LEU A 328 6.31 13.09 20.27
C LEU A 328 7.69 12.68 20.79
N ALA A 329 8.25 13.50 21.68
CA ALA A 329 9.59 13.25 22.21
C ALA A 329 9.65 11.91 22.94
N ASN A 330 8.59 11.60 23.69
CA ASN A 330 8.53 10.32 24.40
C ASN A 330 8.42 9.15 23.44
N HIS A 331 7.68 9.36 22.36
CA HIS A 331 7.54 8.34 21.32
C HIS A 331 8.90 8.05 20.68
N PHE A 332 9.65 9.10 20.35
CA PHE A 332 10.97 8.94 19.74
C PHE A 332 11.96 8.32 20.72
N LEU A 333 11.86 8.69 21.99
CA LEU A 333 12.77 8.15 22.99
C LEU A 333 12.56 6.66 23.10
N LYS A 334 11.30 6.25 23.24
CA LYS A 334 10.93 4.84 23.30
C LYS A 334 11.43 4.09 22.08
N LYS A 335 11.17 4.65 20.91
CA LYS A 335 11.55 4.05 19.64
C LYS A 335 13.06 3.80 19.55
N PHE A 336 13.84 4.84 19.82
CA PHE A 336 15.29 4.77 19.65
C PHE A 336 15.98 4.05 20.80
N SER A 337 15.37 4.07 21.98
CA SER A 337 15.92 3.37 23.13
C SER A 337 15.92 1.87 22.87
N ARG A 338 14.87 1.41 22.21
CA ARG A 338 14.77 0.01 21.84
C ARG A 338 15.72 -0.32 20.69
N LYS A 339 15.79 0.57 19.71
CA LYS A 339 16.65 0.38 18.55
C LYS A 339 18.11 0.22 18.94
N TYR A 340 18.55 1.02 19.91
CA TYR A 340 19.96 1.06 20.29
C TYR A 340 20.22 0.34 21.60
N ALA A 341 19.21 -0.35 22.12
CA ALA A 341 19.34 -1.09 23.37
C ALA A 341 19.91 -0.22 24.48
N LYS A 342 19.26 0.92 24.74
CA LYS A 342 19.68 1.82 25.81
C LYS A 342 18.77 1.62 27.02
N GLU A 343 19.24 2.09 28.17
CA GLU A 343 18.47 1.98 29.41
C GLU A 343 17.41 3.06 29.54
N VAL A 344 17.60 4.18 28.84
CA VAL A 344 16.79 5.38 29.06
C VAL A 344 15.29 5.12 28.98
N GLU A 345 14.55 5.71 29.90
CA GLU A 345 13.11 5.49 30.02
C GLU A 345 12.31 6.78 29.84
N GLY A 346 12.92 7.93 30.10
CA GLY A 346 12.24 9.19 29.95
C GLY A 346 13.16 10.39 30.05
N PHE A 347 12.56 11.58 30.02
CA PHE A 347 13.30 12.83 30.19
C PHE A 347 13.10 13.34 31.61
N THR A 348 14.12 13.98 32.17
CA THR A 348 13.96 14.62 33.46
C THR A 348 13.00 15.79 33.31
N LYS A 349 12.50 16.29 34.43
CA LYS A 349 11.57 17.41 34.42
C LYS A 349 12.23 18.62 33.77
N SER A 350 13.50 18.85 34.10
CA SER A 350 14.24 19.98 33.56
C SER A 350 14.41 19.85 32.05
N ALA A 351 14.62 18.63 31.58
CA ALA A 351 14.79 18.37 30.16
C ALA A 351 13.49 18.66 29.40
N GLN A 352 12.37 18.28 29.98
CA GLN A 352 11.08 18.47 29.34
C GLN A 352 10.76 19.95 29.17
N GLU A 353 11.14 20.76 30.17
CA GLU A 353 10.89 22.19 30.10
C GLU A 353 11.70 22.81 28.98
N LEU A 354 12.90 22.29 28.76
CA LEU A 354 13.75 22.76 27.67
C LEU A 354 13.13 22.40 26.32
N LEU A 355 12.62 21.17 26.21
CA LEU A 355 11.95 20.74 24.98
C LEU A 355 10.76 21.63 24.66
N LEU A 356 10.00 22.00 25.69
CA LEU A 356 8.78 22.78 25.50
C LEU A 356 9.07 24.24 25.14
N SER A 357 10.18 24.79 25.62
CA SER A 357 10.48 26.21 25.41
C SER A 357 11.27 26.46 24.12
N TYR A 358 11.89 25.42 23.59
CA TYR A 358 12.66 25.54 22.35
C TYR A 358 11.71 25.69 21.14
N PRO A 359 12.01 26.63 20.23
CA PRO A 359 11.15 26.94 19.08
C PRO A 359 10.98 25.80 18.06
N TRP A 360 11.92 24.86 18.01
CA TRP A 360 11.81 23.76 17.05
C TRP A 360 11.57 24.29 15.64
N TYR A 361 12.51 25.08 15.13
CA TYR A 361 12.41 25.62 13.78
C TYR A 361 12.43 24.54 12.72
N GLY A 362 13.08 23.43 13.04
CA GLY A 362 13.02 22.22 12.23
C GLY A 362 11.79 21.37 12.54
N ASN A 363 11.05 21.76 13.57
CA ASN A 363 9.80 21.08 13.91
C ASN A 363 10.05 19.60 14.21
N VAL A 364 9.17 18.73 13.76
CA VAL A 364 9.19 17.32 14.16
C VAL A 364 10.47 16.61 13.71
N ARG A 365 10.94 16.93 12.52
CA ARG A 365 12.19 16.35 12.02
C ARG A 365 13.35 16.69 12.95
N GLU A 366 13.45 17.96 13.34
CA GLU A 366 14.52 18.39 14.23
C GLU A 366 14.36 17.68 15.57
N LEU A 367 13.13 17.64 16.07
CA LEU A 367 12.85 16.96 17.33
C LEU A 367 13.35 15.52 17.27
N LYS A 368 12.94 14.80 16.22
CA LYS A 368 13.33 13.41 16.08
C LYS A 368 14.85 13.26 16.06
N ASN A 369 15.52 14.14 15.32
CA ASN A 369 16.97 14.08 15.20
C ASN A 369 17.67 14.34 16.53
N VAL A 370 17.16 15.32 17.28
CA VAL A 370 17.73 15.64 18.59
C VAL A 370 17.56 14.46 19.56
N ILE A 371 16.38 13.85 19.55
CA ILE A 371 16.12 12.75 20.47
C ILE A 371 16.97 11.53 20.13
N GLU A 372 17.09 11.23 18.83
CA GLU A 372 17.91 10.11 18.41
C GLU A 372 19.35 10.26 18.90
N ARG A 373 19.91 11.45 18.76
CA ARG A 373 21.27 11.72 19.24
C ARG A 373 21.36 11.61 20.76
N ALA A 374 20.41 12.22 21.47
CA ALA A 374 20.40 12.16 22.93
C ALA A 374 20.33 10.72 23.41
N VAL A 375 19.47 9.93 22.78
CA VAL A 375 19.32 8.53 23.15
C VAL A 375 20.59 7.75 22.85
N LEU A 376 21.22 8.05 21.72
CA LEU A 376 22.43 7.38 21.31
C LEU A 376 23.55 7.54 22.34
N PHE A 377 23.66 8.74 22.90
CA PHE A 377 24.72 9.05 23.86
C PHE A 377 24.25 9.01 25.30
N SER A 378 23.05 8.49 25.53
CA SER A 378 22.48 8.49 26.89
C SER A 378 23.13 7.44 27.78
N GLU A 379 23.04 7.66 29.09
CA GLU A 379 23.45 6.68 30.08
C GLU A 379 22.41 6.66 31.20
N GLY A 380 22.02 5.46 31.63
CA GLY A 380 21.07 5.33 32.71
C GLY A 380 19.63 5.47 32.24
N LYS A 381 18.76 5.89 33.15
CA LYS A 381 17.33 5.88 32.91
C LYS A 381 16.79 7.17 32.33
N PHE A 382 17.59 8.25 32.37
CA PHE A 382 17.09 9.56 31.99
C PHE A 382 18.01 10.36 31.09
N ILE A 383 17.39 11.21 30.28
CA ILE A 383 18.08 12.27 29.58
C ILE A 383 17.79 13.57 30.33
N ASP A 384 18.84 14.27 30.72
CA ASP A 384 18.71 15.51 31.49
C ASP A 384 18.90 16.71 30.58
N ARG A 385 18.62 17.90 31.10
CA ARG A 385 18.69 19.13 30.32
C ARG A 385 20.05 19.32 29.65
N GLY A 386 21.12 19.02 30.38
CA GLY A 386 22.46 19.21 29.89
C GLY A 386 22.74 18.45 28.61
N GLU A 387 22.12 17.28 28.46
CA GLU A 387 22.31 16.46 27.28
C GLU A 387 21.59 17.04 26.06
N LEU A 388 20.65 17.95 26.30
CA LEU A 388 19.92 18.61 25.22
C LEU A 388 20.48 20.00 24.96
N SER A 389 20.87 20.70 26.02
CA SER A 389 21.42 22.06 25.89
C SER A 389 22.45 22.11 24.79
N CYS A 390 23.33 21.12 24.76
CA CYS A 390 24.34 21.03 23.70
C CYS A 390 23.66 20.99 22.34
N LEU A 391 22.71 20.08 22.19
CA LEU A 391 22.00 19.87 20.94
C LEU A 391 21.15 21.07 20.54
N VAL A 392 20.19 21.43 21.39
CA VAL A 392 19.25 22.48 21.09
C VAL A 392 19.61 23.80 21.80
#